data_6T6M
#
_entry.id   6T6M
#
_cell.length_a   83.149
_cell.length_b   83.149
_cell.length_c   87.488
_cell.angle_alpha   90.000
_cell.angle_beta   90.000
_cell.angle_gamma   120.000
#
_symmetry.space_group_name_H-M   'P 32 2 1'
#
loop_
_entity.id
_entity.type
_entity.pdbx_description
1 polymer 'Orange carotenoid-binding protein'
2 non-polymer beta,beta-caroten-4-one
3 non-polymer GLYCEROL
4 non-polymer HISTIDINE
5 water water
#
_entity_poly.entity_id   1
_entity_poly.type   'polypeptide(L)'
_entity_poly.pdbx_seq_one_letter_code
;MRGSHHHHHHTDPATMPFTIDSARGIFPNTLAADVVPATIARFSQLNAEDQLALIWFAYLEMGKTLTIAAPGAASMQLAE
NALKEIQAMGPLQQTQAMCDLANRADTPLCRTYASWSPNIKLGFWYRLGELMEQGFVAPIPAGYQLSANANAVLATIQGL
ESGQQITVLRNAVVDMGFTAGKDGKRIAEPVVPPQDTASRTKVSIEGVTNATVLNWMDNLNANDFDTLIELFTSDGALQP
PFQRPIVGKENVLRFFREECQNLKLIPERGVTEPAEDGFTQIKVTGKVQTPWFGGNVGMNIAWRFLLNPEGKIFFVAIDL
LASPKELLNFAR
;
_entity_poly.pdbx_strand_id   A
#
loop_
_chem_comp.id
_chem_comp.type
_chem_comp.name
_chem_comp.formula
ECH non-polymer beta,beta-caroten-4-one 'C40 H54 O'
GOL non-polymer GLYCEROL 'C3 H8 O3'
#
# COMPACT_ATOMS: atom_id res chain seq x y z
N PHE A 18 7.70 22.67 15.76
N PHE A 18 7.68 22.66 15.66
CA PHE A 18 7.26 21.29 15.36
CA PHE A 18 7.23 21.29 15.31
C PHE A 18 8.49 20.41 15.07
C PHE A 18 8.46 20.40 15.01
N THR A 19 8.41 19.14 15.44
CA THR A 19 9.30 18.06 14.96
C THR A 19 8.44 17.16 14.05
N ILE A 20 9.05 16.28 13.27
CA ILE A 20 8.28 15.33 12.40
C ILE A 20 7.38 14.50 13.31
N ASP A 21 7.91 13.99 14.42
CA ASP A 21 7.15 13.04 15.26
C ASP A 21 5.98 13.78 15.92
N SER A 22 6.11 15.07 16.25
CA SER A 22 5.00 15.86 16.85
C SER A 22 3.98 16.27 15.79
N ALA A 23 4.40 16.48 14.53
CA ALA A 23 3.53 16.87 13.41
C ALA A 23 2.52 15.76 13.13
N ARG A 24 2.84 14.53 13.56
CA ARG A 24 1.98 13.35 13.36
C ARG A 24 0.61 13.64 13.98
N GLY A 25 0.53 14.61 14.90
CA GLY A 25 -0.68 14.85 15.71
C GLY A 25 -1.65 15.86 15.08
N ILE A 26 -1.33 16.41 13.91
CA ILE A 26 -2.21 17.45 13.30
C ILE A 26 -3.56 16.82 12.93
N PHE A 27 -4.63 17.62 13.02
CA PHE A 27 -6.02 17.20 12.70
C PHE A 27 -6.33 15.90 13.45
N PRO A 28 -6.33 15.91 14.79
CA PRO A 28 -6.52 14.70 15.60
C PRO A 28 -7.94 14.13 15.59
N ASN A 29 -8.88 14.86 14.98
CA ASN A 29 -10.26 14.33 14.84
CA ASN A 29 -10.29 14.41 14.75
C ASN A 29 -10.31 13.34 13.67
N THR A 30 -9.28 13.24 12.85
CA THR A 30 -9.26 12.34 11.66
C THR A 30 -9.32 10.88 12.15
N LEU A 31 -10.38 10.12 11.86
CA LEU A 31 -10.48 8.73 12.36
C LEU A 31 -9.99 7.78 11.26
N ALA A 32 -8.78 7.29 11.46
CA ALA A 32 -8.11 6.34 10.55
C ALA A 32 -8.72 4.96 10.77
N ALA A 33 -8.66 4.14 9.72
CA ALA A 33 -9.16 2.75 9.72
C ALA A 33 -8.15 1.85 10.44
N ASP A 34 -7.94 2.04 11.74
CA ASP A 34 -6.90 1.29 12.49
C ASP A 34 -7.34 -0.16 12.63
N VAL A 35 -8.56 -0.54 12.19
CA VAL A 35 -8.92 -1.97 12.10
C VAL A 35 -7.93 -2.68 11.17
N VAL A 36 -7.30 -1.94 10.27
CA VAL A 36 -6.36 -2.57 9.30
C VAL A 36 -5.13 -3.08 10.05
N PRO A 37 -4.34 -2.23 10.74
CA PRO A 37 -3.21 -2.77 11.49
C PRO A 37 -3.65 -3.73 12.60
N ALA A 38 -4.81 -3.50 13.20
CA ALA A 38 -5.35 -4.42 14.22
C ALA A 38 -5.45 -5.82 13.60
N THR A 39 -6.05 -5.89 12.41
CA THR A 39 -6.33 -7.18 11.75
C THR A 39 -5.02 -7.83 11.33
N ILE A 40 -4.06 -7.02 10.87
CA ILE A 40 -2.72 -7.55 10.47
CA ILE A 40 -2.72 -7.54 10.46
C ILE A 40 -2.03 -8.11 11.71
N ALA A 41 -2.16 -7.44 12.86
CA ALA A 41 -1.53 -7.98 14.10
C ALA A 41 -2.15 -9.33 14.46
N ARG A 42 -3.48 -9.48 14.35
CA ARG A 42 -4.15 -10.76 14.65
C ARG A 42 -3.68 -11.83 13.64
N PHE A 43 -3.64 -11.46 12.37
CA PHE A 43 -3.20 -12.34 11.27
C PHE A 43 -1.77 -12.85 11.55
N SER A 44 -0.90 -11.97 12.02
CA SER A 44 0.54 -12.26 12.21
CA SER A 44 0.55 -12.26 12.21
C SER A 44 0.74 -13.34 13.30
N GLN A 45 -0.22 -13.50 14.20
CA GLN A 45 -0.13 -14.48 15.32
C GLN A 45 -0.40 -15.89 14.79
N LEU A 46 -1.02 -16.00 13.62
CA LEU A 46 -1.58 -17.29 13.16
C LEU A 46 -0.44 -18.23 12.76
N ASN A 47 -0.75 -19.52 12.84
CA ASN A 47 -0.01 -20.62 12.19
C ASN A 47 0.19 -20.29 10.70
N ALA A 48 1.38 -20.50 10.14
CA ALA A 48 1.71 -20.18 8.73
C ALA A 48 0.72 -20.87 7.77
N GLU A 49 0.45 -22.16 7.95
CA GLU A 49 -0.53 -22.84 7.05
C GLU A 49 -1.87 -22.10 7.14
N ASP A 50 -2.26 -21.62 8.33
CA ASP A 50 -3.55 -20.91 8.50
C ASP A 50 -3.49 -19.56 7.80
N GLN A 51 -2.34 -18.88 7.85
CA GLN A 51 -2.14 -17.58 7.17
C GLN A 51 -2.38 -17.79 5.67
N LEU A 52 -1.75 -18.80 5.08
CA LEU A 52 -1.85 -19.06 3.62
C LEU A 52 -3.29 -19.45 3.25
N ALA A 53 -3.91 -20.35 4.02
CA ALA A 53 -5.30 -20.78 3.75
C ALA A 53 -6.24 -19.58 3.88
N LEU A 54 -6.07 -18.77 4.93
CA LEU A 54 -6.97 -17.60 5.16
C LEU A 54 -6.86 -16.67 3.95
N ILE A 55 -5.65 -16.37 3.48
CA ILE A 55 -5.53 -15.43 2.34
C ILE A 55 -6.12 -16.09 1.09
N TRP A 56 -5.90 -17.38 0.89
CA TRP A 56 -6.49 -18.11 -0.26
C TRP A 56 -8.02 -17.89 -0.25
N PHE A 57 -8.67 -18.14 0.89
CA PHE A 57 -10.15 -18.01 1.00
C PHE A 57 -10.55 -16.55 0.75
N ALA A 58 -9.87 -15.59 1.36
CA ALA A 58 -10.22 -14.15 1.21
C ALA A 58 -10.11 -13.75 -0.26
N TYR A 59 -9.01 -14.18 -0.89
CA TYR A 59 -8.64 -13.86 -2.30
CA TYR A 59 -8.66 -13.83 -2.29
C TYR A 59 -9.70 -14.45 -3.25
N LEU A 60 -10.06 -15.72 -3.03
CA LEU A 60 -11.05 -16.42 -3.88
C LEU A 60 -12.39 -15.65 -3.81
N GLU A 61 -12.85 -15.32 -2.61
CA GLU A 61 -14.17 -14.64 -2.46
C GLU A 61 -14.09 -13.23 -3.07
N MET A 62 -13.03 -12.50 -2.78
CA MET A 62 -12.89 -11.10 -3.29
CA MET A 62 -12.87 -11.11 -3.28
C MET A 62 -12.92 -11.11 -4.82
N GLY A 63 -12.32 -12.12 -5.45
CA GLY A 63 -12.17 -12.18 -6.92
C GLY A 63 -13.50 -12.31 -7.64
N LYS A 64 -14.56 -12.67 -6.91
CA LYS A 64 -15.92 -12.83 -7.50
C LYS A 64 -16.47 -11.46 -7.94
N THR A 65 -16.02 -10.37 -7.32
CA THR A 65 -16.52 -8.99 -7.60
C THR A 65 -15.37 -8.01 -7.89
N LEU A 66 -14.14 -8.31 -7.47
CA LEU A 66 -12.98 -7.43 -7.73
C LEU A 66 -12.02 -8.17 -8.68
N THR A 67 -11.72 -7.56 -9.83
CA THR A 67 -10.70 -8.09 -10.78
C THR A 67 -9.36 -7.44 -10.46
N ILE A 68 -8.36 -8.24 -10.13
CA ILE A 68 -6.95 -7.78 -9.93
C ILE A 68 -6.29 -7.61 -11.30
N ALA A 69 -5.65 -6.46 -11.52
CA ALA A 69 -4.86 -6.17 -12.73
C ALA A 69 -3.70 -7.15 -12.82
N ALA A 70 -3.33 -7.57 -14.02
CA ALA A 70 -2.17 -8.45 -14.24
C ALA A 70 -0.91 -7.72 -13.76
N PRO A 71 0.03 -8.43 -13.12
CA PRO A 71 1.36 -7.88 -12.85
C PRO A 71 2.05 -7.43 -14.15
N GLY A 72 2.80 -6.33 -14.07
CA GLY A 72 3.61 -5.81 -15.19
C GLY A 72 4.64 -6.82 -15.66
N ALA A 73 5.00 -6.74 -16.95
CA ALA A 73 5.97 -7.65 -17.58
C ALA A 73 7.30 -7.58 -16.84
N ALA A 74 7.75 -6.36 -16.52
CA ALA A 74 9.06 -6.13 -15.87
C ALA A 74 9.04 -6.80 -14.49
N SER A 75 7.98 -6.59 -13.73
CA SER A 75 7.79 -7.21 -12.39
C SER A 75 7.92 -8.73 -12.52
N MET A 76 7.20 -9.32 -13.46
CA MET A 76 7.15 -10.80 -13.64
CA MET A 76 7.14 -10.80 -13.60
C MET A 76 8.54 -11.32 -13.99
N GLN A 77 9.29 -10.55 -14.80
CA GLN A 77 10.67 -10.96 -15.20
C GLN A 77 11.55 -11.00 -13.94
N LEU A 78 11.40 -10.02 -13.05
CA LEU A 78 12.24 -9.91 -11.84
C LEU A 78 11.93 -11.07 -10.88
N ALA A 79 10.70 -11.58 -10.90
CA ALA A 79 10.25 -12.68 -10.01
C ALA A 79 10.41 -14.05 -10.67
N GLU A 80 10.78 -14.10 -11.95
CA GLU A 80 10.74 -15.34 -12.78
C GLU A 80 11.59 -16.44 -12.14
N ASN A 81 12.83 -16.13 -11.75
CA ASN A 81 13.79 -17.17 -11.29
C ASN A 81 13.25 -17.81 -10.00
N ALA A 82 12.73 -17.01 -9.07
CA ALA A 82 12.18 -17.53 -7.80
C ALA A 82 10.94 -18.39 -8.11
N LEU A 83 10.07 -17.93 -9.00
CA LEU A 83 8.86 -18.69 -9.41
C LEU A 83 9.27 -20.02 -10.04
N LYS A 84 10.31 -20.03 -10.86
CA LYS A 84 10.77 -21.27 -11.53
C LYS A 84 11.31 -22.26 -10.47
N GLU A 85 12.08 -21.76 -9.50
CA GLU A 85 12.66 -22.59 -8.41
C GLU A 85 11.51 -23.30 -7.69
N ILE A 86 10.45 -22.55 -7.34
CA ILE A 86 9.31 -23.14 -6.58
C ILE A 86 8.58 -24.14 -7.48
N GLN A 87 8.38 -23.80 -8.76
CA GLN A 87 7.64 -24.69 -9.69
C GLN A 87 8.38 -26.03 -9.87
N ALA A 88 9.71 -26.04 -9.73
CA ALA A 88 10.57 -27.23 -9.90
C ALA A 88 10.57 -28.11 -8.64
N MET A 89 10.12 -27.60 -7.49
CA MET A 89 10.10 -28.38 -6.24
C MET A 89 8.97 -29.41 -6.28
N GLY A 90 9.13 -30.52 -5.55
CA GLY A 90 8.03 -31.43 -5.19
C GLY A 90 6.97 -30.68 -4.39
N PRO A 91 5.70 -31.17 -4.35
CA PRO A 91 4.62 -30.49 -3.65
C PRO A 91 4.91 -30.15 -2.17
N LEU A 92 5.50 -31.08 -1.43
CA LEU A 92 5.82 -30.88 0.01
C LEU A 92 6.76 -29.68 0.15
N GLN A 93 7.75 -29.58 -0.75
CA GLN A 93 8.78 -28.51 -0.72
C GLN A 93 8.16 -27.18 -1.14
N GLN A 94 7.21 -27.21 -2.08
CA GLN A 94 6.47 -26.00 -2.52
C GLN A 94 5.73 -25.40 -1.31
N THR A 95 4.97 -26.23 -0.59
CA THR A 95 4.21 -25.80 0.61
C THR A 95 5.20 -25.26 1.65
N GLN A 96 6.32 -25.94 1.88
CA GLN A 96 7.35 -25.52 2.86
C GLN A 96 7.88 -24.13 2.49
N ALA A 97 8.19 -23.90 1.20
CA ALA A 97 8.71 -22.60 0.71
C ALA A 97 7.69 -21.49 1.04
N MET A 98 6.41 -21.76 0.80
CA MET A 98 5.34 -20.76 1.08
C MET A 98 5.25 -20.52 2.59
N CYS A 99 5.33 -21.58 3.39
CA CYS A 99 5.35 -21.46 4.88
C CYS A 99 6.59 -20.68 5.34
N ASP A 100 7.75 -20.88 4.71
CA ASP A 100 8.99 -20.15 5.07
C ASP A 100 8.71 -18.65 4.89
N LEU A 101 8.11 -18.26 3.78
CA LEU A 101 7.81 -16.84 3.50
C LEU A 101 6.88 -16.30 4.59
N ALA A 102 5.80 -17.01 4.90
CA ALA A 102 4.79 -16.56 5.90
C ALA A 102 5.46 -16.45 7.28
N ASN A 103 6.33 -17.40 7.62
CA ASN A 103 7.02 -17.48 8.93
C ASN A 103 8.19 -16.49 9.02
N ARG A 104 8.57 -15.84 7.91
CA ARG A 104 9.72 -14.91 7.89
C ARG A 104 10.99 -15.68 8.26
N ALA A 105 11.09 -16.93 7.80
CA ALA A 105 12.27 -17.81 8.01
C ALA A 105 13.47 -17.26 7.24
N ASP A 106 14.67 -17.47 7.76
CA ASP A 106 15.92 -17.07 7.06
C ASP A 106 16.28 -18.16 6.06
N THR A 107 15.88 -17.99 4.80
CA THR A 107 16.27 -18.84 3.65
C THR A 107 16.68 -17.95 2.50
N PRO A 108 17.46 -18.46 1.52
CA PRO A 108 17.77 -17.71 0.31
C PRO A 108 16.51 -17.16 -0.37
N LEU A 109 15.46 -17.97 -0.56
CA LEU A 109 14.20 -17.50 -1.20
C LEU A 109 13.61 -16.35 -0.37
N CYS A 110 13.60 -16.48 0.95
CA CYS A 110 13.03 -15.43 1.85
C CYS A 110 13.84 -14.13 1.75
N ARG A 111 15.16 -14.22 1.61
CA ARG A 111 16.02 -13.02 1.46
C ARG A 111 15.78 -12.38 0.08
N THR A 112 15.67 -13.19 -0.97
CA THR A 112 15.36 -12.67 -2.32
C THR A 112 14.02 -11.92 -2.26
N TYR A 113 13.01 -12.57 -1.68
CA TYR A 113 11.65 -11.99 -1.56
C TYR A 113 11.73 -10.64 -0.81
N ALA A 114 12.48 -10.58 0.29
CA ALA A 114 12.58 -9.37 1.14
C ALA A 114 13.25 -8.23 0.35
N SER A 115 14.07 -8.55 -0.66
CA SER A 115 14.79 -7.53 -1.46
C SER A 115 13.82 -6.86 -2.44
N TRP A 116 12.62 -7.43 -2.61
CA TRP A 116 11.69 -6.96 -3.67
C TRP A 116 10.82 -5.81 -3.17
N SER A 117 10.44 -4.92 -4.07
CA SER A 117 9.40 -3.89 -3.85
C SER A 117 8.05 -4.59 -3.65
N PRO A 118 7.09 -3.92 -2.98
CA PRO A 118 5.77 -4.51 -2.78
C PRO A 118 5.13 -5.05 -4.09
N ASN A 119 5.25 -4.32 -5.19
CA ASN A 119 4.59 -4.74 -6.46
C ASN A 119 5.18 -6.07 -6.93
N ILE A 120 6.49 -6.30 -6.75
CA ILE A 120 7.10 -7.58 -7.21
C ILE A 120 6.65 -8.71 -6.29
N LYS A 121 6.57 -8.46 -4.98
CA LYS A 121 6.02 -9.46 -4.03
C LYS A 121 4.58 -9.80 -4.42
N LEU A 122 3.77 -8.79 -4.73
CA LEU A 122 2.35 -9.03 -5.05
C LEU A 122 2.25 -9.83 -6.35
N GLY A 123 3.07 -9.49 -7.34
CA GLY A 123 3.03 -10.20 -8.64
C GLY A 123 3.44 -11.65 -8.48
N PHE A 124 4.42 -11.92 -7.63
CA PHE A 124 4.90 -13.29 -7.28
C PHE A 124 3.70 -14.11 -6.78
N TRP A 125 2.99 -13.60 -5.77
CA TRP A 125 1.85 -14.33 -5.18
C TRP A 125 0.70 -14.43 -6.19
N TYR A 126 0.50 -13.39 -7.00
CA TYR A 126 -0.55 -13.40 -8.05
C TYR A 126 -0.32 -14.63 -8.93
N ARG A 127 0.92 -14.83 -9.34
CA ARG A 127 1.27 -15.95 -10.26
C ARG A 127 1.16 -17.28 -9.50
N LEU A 128 1.59 -17.35 -8.23
CA LEU A 128 1.46 -18.62 -7.48
C LEU A 128 -0.03 -18.95 -7.33
N GLY A 129 -0.88 -17.95 -7.11
CA GLY A 129 -2.34 -18.20 -6.99
C GLY A 129 -2.91 -18.79 -8.27
N GLU A 130 -2.47 -18.31 -9.43
CA GLU A 130 -2.91 -18.87 -10.75
C GLU A 130 -2.47 -20.33 -10.83
N LEU A 131 -1.22 -20.61 -10.48
CA LEU A 131 -0.63 -21.97 -10.59
C LEU A 131 -1.29 -22.92 -9.58
N MET A 132 -1.67 -22.40 -8.39
CA MET A 132 -2.37 -23.24 -7.37
C MET A 132 -3.77 -23.58 -7.88
N GLU A 133 -4.48 -22.61 -8.47
CA GLU A 133 -5.84 -22.85 -9.03
C GLU A 133 -5.73 -23.93 -10.11
N GLN A 134 -4.65 -23.91 -10.89
CA GLN A 134 -4.46 -24.83 -12.06
C GLN A 134 -3.92 -26.19 -11.60
N GLY A 135 -3.38 -26.25 -10.38
CA GLY A 135 -2.84 -27.47 -9.75
C GLY A 135 -1.38 -27.73 -10.07
N PHE A 136 -0.65 -26.74 -10.61
CA PHE A 136 0.79 -26.86 -11.01
C PHE A 136 1.71 -26.48 -9.85
N VAL A 137 1.16 -25.83 -8.83
CA VAL A 137 1.86 -25.62 -7.54
C VAL A 137 0.93 -26.14 -6.46
N ALA A 138 1.48 -26.76 -5.40
CA ALA A 138 0.69 -27.41 -4.33
C ALA A 138 -0.37 -26.43 -3.84
N PRO A 139 -1.67 -26.79 -3.94
CA PRO A 139 -2.75 -25.93 -3.49
C PRO A 139 -2.92 -25.99 -1.96
N ILE A 140 -3.72 -25.08 -1.40
CA ILE A 140 -4.23 -25.24 -0.01
C ILE A 140 -4.94 -26.59 0.04
N PRO A 141 -4.63 -27.48 1.02
CA PRO A 141 -5.32 -28.76 1.14
C PRO A 141 -6.84 -28.65 1.04
N ALA A 142 -7.43 -29.54 0.22
CA ALA A 142 -8.88 -29.77 0.10
C ALA A 142 -9.50 -29.93 1.50
N GLY A 143 -10.48 -29.11 1.83
CA GLY A 143 -11.24 -29.21 3.09
C GLY A 143 -10.41 -28.77 4.30
N TYR A 144 -9.30 -28.05 4.10
CA TYR A 144 -8.52 -27.42 5.20
C TYR A 144 -9.49 -26.62 6.08
N GLN A 145 -9.44 -26.83 7.40
CA GLN A 145 -10.29 -26.03 8.32
CA GLN A 145 -10.26 -26.11 8.40
C GLN A 145 -9.37 -25.08 9.11
N LEU A 146 -9.68 -23.79 9.01
CA LEU A 146 -8.95 -22.73 9.77
C LEU A 146 -9.04 -22.98 11.30
N SER A 147 -7.99 -22.57 12.02
CA SER A 147 -7.97 -22.50 13.51
C SER A 147 -9.07 -21.55 13.99
N ALA A 148 -9.39 -21.63 15.28
CA ALA A 148 -10.41 -20.75 15.90
C ALA A 148 -10.02 -19.28 15.66
N ASN A 149 -8.75 -18.93 15.90
CA ASN A 149 -8.31 -17.52 15.75
C ASN A 149 -8.33 -17.15 14.26
N ALA A 150 -7.95 -18.05 13.37
CA ALA A 150 -7.90 -17.76 11.93
C ALA A 150 -9.32 -17.55 11.38
N ASN A 151 -10.29 -18.36 11.77
CA ASN A 151 -11.68 -18.21 11.27
C ASN A 151 -12.18 -16.80 11.62
N ALA A 152 -11.89 -16.32 12.84
CA ALA A 152 -12.36 -14.99 13.29
C ALA A 152 -11.63 -13.88 12.52
N VAL A 153 -10.35 -14.05 12.22
CA VAL A 153 -9.61 -13.04 11.43
C VAL A 153 -10.22 -12.97 10.03
N LEU A 154 -10.52 -14.12 9.42
CA LEU A 154 -11.13 -14.11 8.06
C LEU A 154 -12.49 -13.42 8.14
N ALA A 155 -13.29 -13.71 9.16
CA ALA A 155 -14.63 -13.07 9.29
C ALA A 155 -14.43 -11.55 9.36
N THR A 156 -13.45 -11.08 10.13
CA THR A 156 -13.20 -9.63 10.22
C THR A 156 -12.90 -9.11 8.82
N ILE A 157 -11.98 -9.76 8.10
CA ILE A 157 -11.56 -9.27 6.77
C ILE A 157 -12.78 -9.21 5.85
N GLN A 158 -13.63 -10.24 5.87
CA GLN A 158 -14.76 -10.34 4.91
C GLN A 158 -15.82 -9.28 5.23
N GLY A 159 -15.82 -8.73 6.44
CA GLY A 159 -16.76 -7.65 6.84
C GLY A 159 -16.24 -6.26 6.54
N LEU A 160 -14.99 -6.12 6.14
CA LEU A 160 -14.40 -4.79 5.84
C LEU A 160 -14.81 -4.31 4.45
N GLU A 161 -14.83 -2.99 4.27
CA GLU A 161 -14.91 -2.32 2.95
C GLU A 161 -13.74 -2.83 2.08
N SER A 162 -13.95 -2.88 0.77
CA SER A 162 -12.96 -3.39 -0.21
C SER A 162 -11.63 -2.65 -0.01
N GLY A 163 -11.65 -1.33 0.20
CA GLY A 163 -10.40 -0.56 0.33
C GLY A 163 -9.56 -1.03 1.52
N GLN A 164 -10.23 -1.44 2.59
CA GLN A 164 -9.55 -1.95 3.80
C GLN A 164 -9.11 -3.39 3.53
N GLN A 165 -9.93 -4.20 2.88
CA GLN A 165 -9.56 -5.60 2.57
C GLN A 165 -8.25 -5.63 1.78
N ILE A 166 -8.14 -4.82 0.72
CA ILE A 166 -6.97 -4.89 -0.19
C ILE A 166 -5.74 -4.39 0.58
N THR A 167 -5.93 -3.48 1.54
CA THR A 167 -4.80 -2.95 2.34
C THR A 167 -4.31 -4.04 3.29
N VAL A 168 -5.21 -4.80 3.89
CA VAL A 168 -4.82 -5.95 4.77
C VAL A 168 -4.02 -6.96 3.91
N LEU A 169 -4.52 -7.33 2.74
CA LEU A 169 -3.83 -8.35 1.91
C LEU A 169 -2.44 -7.83 1.51
N ARG A 170 -2.35 -6.57 1.09
CA ARG A 170 -1.06 -5.97 0.65
C ARG A 170 -0.08 -6.01 1.80
N ASN A 171 -0.51 -5.55 2.98
CA ASN A 171 0.40 -5.44 4.15
C ASN A 171 0.86 -6.84 4.56
N ALA A 172 -0.02 -7.86 4.51
CA ALA A 172 0.33 -9.27 4.83
C ALA A 172 1.43 -9.73 3.87
N VAL A 173 1.25 -9.47 2.58
CA VAL A 173 2.21 -9.87 1.52
C VAL A 173 3.55 -9.18 1.78
N VAL A 174 3.52 -7.89 2.05
CA VAL A 174 4.77 -7.09 2.14
C VAL A 174 5.59 -7.59 3.34
N ASP A 175 4.91 -8.04 4.41
CA ASP A 175 5.55 -8.40 5.71
C ASP A 175 6.23 -9.77 5.62
N MET A 176 6.03 -10.53 4.55
CA MET A 176 6.60 -11.90 4.43
C MET A 176 8.09 -11.83 4.04
N GLY A 177 8.78 -12.96 4.17
CA GLY A 177 10.22 -13.06 3.84
C GLY A 177 11.10 -12.58 4.97
N PHE A 178 12.39 -12.40 4.70
CA PHE A 178 13.45 -12.18 5.73
C PHE A 178 14.45 -11.12 5.28
N THR A 179 14.58 -10.04 6.06
CA THR A 179 15.58 -8.95 5.89
C THR A 179 16.82 -9.27 6.73
N GLY A 184 20.91 -3.29 2.62
CA GLY A 184 20.27 -4.39 1.89
C GLY A 184 19.96 -4.02 0.44
N LYS A 185 20.32 -4.91 -0.50
CA LYS A 185 20.06 -4.74 -1.96
C LYS A 185 18.55 -4.57 -2.18
N ARG A 186 18.15 -3.59 -2.99
CA ARG A 186 16.72 -3.26 -3.28
C ARG A 186 16.41 -3.53 -4.75
N ILE A 187 15.38 -4.33 -5.03
CA ILE A 187 14.94 -4.67 -6.41
C ILE A 187 13.54 -4.07 -6.60
N ALA A 188 13.39 -3.21 -7.62
CA ALA A 188 12.12 -2.51 -7.92
C ALA A 188 11.88 -2.48 -9.43
N GLU A 189 10.64 -2.26 -9.83
CA GLU A 189 10.25 -2.09 -11.26
C GLU A 189 10.96 -0.86 -11.81
N PRO A 190 11.21 -0.82 -13.14
CA PRO A 190 11.67 0.40 -13.80
C PRO A 190 10.68 1.54 -13.56
N VAL A 191 11.21 2.76 -13.50
CA VAL A 191 10.40 3.99 -13.32
C VAL A 191 9.92 4.46 -14.70
N VAL A 192 8.61 4.41 -14.93
CA VAL A 192 7.99 4.90 -16.19
C VAL A 192 8.17 6.41 -16.25
N PRO A 193 8.51 6.98 -17.42
CA PRO A 193 8.71 8.42 -17.55
C PRO A 193 7.45 9.21 -17.19
N PRO A 194 7.60 10.43 -16.65
CA PRO A 194 6.44 11.25 -16.30
C PRO A 194 5.54 11.52 -17.50
N GLN A 195 4.25 11.70 -17.23
CA GLN A 195 3.22 11.99 -18.27
C GLN A 195 3.62 13.28 -19.01
N ASP A 196 3.49 13.29 -20.33
CA ASP A 196 3.74 14.50 -21.15
C ASP A 196 2.83 15.61 -20.60
N THR A 197 3.38 16.83 -20.46
CA THR A 197 2.73 18.02 -19.88
C THR A 197 1.34 18.22 -20.49
N ALA A 198 1.25 18.13 -21.83
CA ALA A 198 0.08 18.53 -22.64
C ALA A 198 -1.17 17.72 -22.23
N SER A 199 -1.00 16.46 -21.81
CA SER A 199 -2.10 15.51 -21.54
C SER A 199 -2.44 15.46 -20.04
N ARG A 200 -1.73 16.22 -19.20
CA ARG A 200 -1.89 16.19 -17.72
C ARG A 200 -3.23 16.79 -17.32
N THR A 201 -3.87 16.21 -16.30
CA THR A 201 -5.10 16.72 -15.65
C THR A 201 -4.68 17.65 -14.50
N LYS A 202 -5.53 18.61 -14.16
CA LYS A 202 -5.36 19.44 -12.94
C LYS A 202 -6.53 19.15 -12.00
N VAL A 203 -6.24 18.80 -10.74
CA VAL A 203 -7.31 18.55 -9.73
C VAL A 203 -7.90 19.89 -9.30
N SER A 204 -9.13 19.83 -8.80
CA SER A 204 -9.85 20.94 -8.13
C SER A 204 -10.22 20.44 -6.73
N ILE A 205 -10.03 21.26 -5.70
CA ILE A 205 -10.35 20.88 -4.29
C ILE A 205 -11.21 21.99 -3.68
N GLU A 206 -12.43 21.68 -3.27
CA GLU A 206 -13.26 22.69 -2.56
C GLU A 206 -12.49 23.19 -1.34
N GLY A 207 -12.34 24.51 -1.19
CA GLY A 207 -11.77 25.13 0.02
C GLY A 207 -10.25 25.13 0.03
N VAL A 208 -9.61 24.56 -1.00
CA VAL A 208 -8.12 24.52 -1.04
C VAL A 208 -7.60 24.98 -2.41
N THR A 209 -6.92 26.12 -2.44
CA THR A 209 -6.27 26.69 -3.66
C THR A 209 -4.75 26.66 -3.50
N ASN A 210 -4.25 26.19 -2.35
CA ASN A 210 -2.81 26.20 -2.02
C ASN A 210 -2.03 25.53 -3.15
N ALA A 211 -1.08 26.24 -3.76
CA ALA A 211 -0.34 25.78 -4.96
C ALA A 211 0.47 24.53 -4.61
N THR A 212 1.02 24.44 -3.39
CA THR A 212 1.84 23.27 -2.99
C THR A 212 0.96 22.03 -2.98
N VAL A 213 -0.22 22.10 -2.37
CA VAL A 213 -1.15 20.92 -2.29
C VAL A 213 -1.59 20.54 -3.71
N LEU A 214 -1.99 21.51 -4.54
CA LEU A 214 -2.48 21.20 -5.91
C LEU A 214 -1.32 20.60 -6.73
N ASN A 215 -0.11 21.13 -6.60
CA ASN A 215 1.07 20.65 -7.36
C ASN A 215 1.41 19.24 -6.90
N TRP A 216 1.27 18.96 -5.60
N TRP A 216 1.20 18.94 -5.62
CA TRP A 216 1.43 17.59 -5.02
CA TRP A 216 1.46 17.61 -5.03
C TRP A 216 0.54 16.63 -5.81
C TRP A 216 0.53 16.58 -5.69
N MET A 217 -0.77 16.87 -5.75
CA MET A 217 -1.78 15.99 -6.37
C MET A 217 -1.45 15.80 -7.85
N ASP A 218 -1.23 16.91 -8.56
CA ASP A 218 -1.09 16.91 -10.04
C ASP A 218 0.20 16.18 -10.43
N ASN A 219 1.30 16.40 -9.70
CA ASN A 219 2.60 15.77 -10.06
C ASN A 219 2.55 14.27 -9.74
N LEU A 220 1.89 13.87 -8.66
CA LEU A 220 1.77 12.43 -8.34
C LEU A 220 0.89 11.76 -9.42
N ASN A 221 -0.17 12.42 -9.86
CA ASN A 221 -1.08 11.87 -10.91
C ASN A 221 -0.32 11.74 -12.24
N ALA A 222 0.79 12.49 -12.41
CA ALA A 222 1.60 12.50 -13.65
C ALA A 222 2.87 11.65 -13.47
N ASN A 223 3.05 11.01 -12.32
CA ASN A 223 4.25 10.19 -12.01
C ASN A 223 5.50 11.08 -12.10
N ASP A 224 5.36 12.37 -11.79
CA ASP A 224 6.49 13.34 -11.91
C ASP A 224 7.18 13.47 -10.55
N PHE A 225 7.94 12.45 -10.16
CA PHE A 225 8.52 12.33 -8.79
C PHE A 225 9.63 13.38 -8.60
N ASP A 226 10.34 13.75 -9.64
CA ASP A 226 11.45 14.73 -9.50
C ASP A 226 10.88 16.12 -9.18
N THR A 227 9.73 16.46 -9.76
CA THR A 227 9.04 17.75 -9.46
C THR A 227 8.45 17.67 -8.05
N LEU A 228 7.85 16.53 -7.74
CA LEU A 228 7.19 16.30 -6.43
CA LEU A 228 7.21 16.26 -6.42
C LEU A 228 8.22 16.50 -5.30
N ILE A 229 9.41 15.94 -5.44
CA ILE A 229 10.36 15.93 -4.29
C ILE A 229 10.81 17.37 -3.98
N GLU A 230 10.79 18.26 -4.98
CA GLU A 230 11.23 19.67 -4.80
C GLU A 230 10.23 20.43 -3.93
N LEU A 231 9.03 19.89 -3.68
CA LEU A 231 8.03 20.53 -2.80
C LEU A 231 8.40 20.40 -1.32
N PHE A 232 9.30 19.47 -0.97
CA PHE A 232 9.62 19.13 0.44
C PHE A 232 10.75 20.00 0.99
N THR A 233 10.73 20.23 2.30
CA THR A 233 11.92 20.70 3.03
C THR A 233 12.95 19.56 3.05
N SER A 234 14.22 19.89 3.28
CA SER A 234 15.31 18.90 3.30
C SER A 234 15.04 17.85 4.37
N ASP A 235 14.40 18.24 5.49
CA ASP A 235 14.19 17.39 6.69
C ASP A 235 12.71 16.94 6.70
N GLY A 236 12.00 17.16 5.59
CA GLY A 236 10.55 16.90 5.50
C GLY A 236 10.24 15.41 5.43
N ALA A 237 9.01 15.03 5.73
CA ALA A 237 8.64 13.60 5.79
C ALA A 237 7.29 13.35 5.13
N LEU A 238 7.14 12.14 4.62
CA LEU A 238 5.86 11.61 4.09
C LEU A 238 5.49 10.41 4.94
N GLN A 239 4.25 10.37 5.44
CA GLN A 239 3.78 9.25 6.27
C GLN A 239 2.67 8.51 5.54
N PRO A 240 2.97 7.34 4.94
CA PRO A 240 1.95 6.53 4.29
C PRO A 240 1.03 5.93 5.36
N PRO A 241 -0.15 5.43 4.94
CA PRO A 241 -1.09 4.82 5.89
C PRO A 241 -0.44 3.71 6.75
N PHE A 242 -0.54 3.88 8.06
CA PHE A 242 -0.13 2.92 9.09
C PHE A 242 1.36 2.61 9.02
N GLN A 243 2.16 3.56 8.50
CA GLN A 243 3.64 3.41 8.48
C GLN A 243 4.26 4.58 9.23
N ARG A 244 5.51 4.45 9.69
CA ARG A 244 6.25 5.57 10.29
C ARG A 244 6.59 6.58 9.20
N PRO A 245 6.80 7.85 9.57
CA PRO A 245 7.24 8.84 8.60
C PRO A 245 8.53 8.40 7.89
N ILE A 246 8.54 8.63 6.58
CA ILE A 246 9.75 8.50 5.71
C ILE A 246 10.39 9.88 5.61
N VAL A 247 11.64 10.01 6.05
CA VAL A 247 12.25 11.32 6.37
C VAL A 247 13.36 11.65 5.38
N GLY A 248 13.28 12.84 4.81
CA GLY A 248 14.32 13.41 3.94
C GLY A 248 14.08 13.10 2.47
N LYS A 249 14.63 13.91 1.58
CA LYS A 249 14.32 13.83 0.13
C LYS A 249 14.79 12.47 -0.42
N GLU A 250 15.97 11.99 -0.02
CA GLU A 250 16.50 10.72 -0.57
C GLU A 250 15.49 9.60 -0.31
N ASN A 251 15.05 9.46 0.94
CA ASN A 251 14.18 8.33 1.34
C ASN A 251 12.80 8.52 0.72
N VAL A 252 12.30 9.75 0.68
CA VAL A 252 10.94 10.01 0.13
C VAL A 252 10.94 9.76 -1.38
N LEU A 253 12.00 10.17 -2.09
CA LEU A 253 12.06 10.01 -3.56
C LEU A 253 12.14 8.51 -3.87
N ARG A 254 12.88 7.76 -3.07
CA ARG A 254 13.01 6.29 -3.25
C ARG A 254 11.63 5.65 -3.12
N PHE A 255 10.87 6.08 -2.12
CA PHE A 255 9.50 5.58 -1.84
C PHE A 255 8.61 5.88 -3.06
N PHE A 256 8.68 7.10 -3.58
CA PHE A 256 7.88 7.52 -4.76
C PHE A 256 8.19 6.54 -5.92
N ARG A 257 9.47 6.36 -6.20
CA ARG A 257 9.94 5.62 -7.41
C ARG A 257 9.60 4.14 -7.26
N GLU A 258 9.67 3.60 -6.05
CA GLU A 258 9.47 2.15 -5.77
C GLU A 258 7.97 1.80 -5.67
N GLU A 259 7.14 2.68 -5.11
CA GLU A 259 5.81 2.28 -4.61
C GLU A 259 4.67 3.14 -5.18
N CYS A 260 4.95 4.31 -5.75
CA CYS A 260 3.91 5.34 -6.02
C CYS A 260 3.65 5.55 -7.53
N GLN A 261 3.98 4.58 -8.38
CA GLN A 261 3.70 4.71 -9.84
C GLN A 261 2.20 4.42 -10.11
N ASN A 262 1.59 5.24 -10.96
CA ASN A 262 0.30 4.95 -11.64
C ASN A 262 -0.87 4.99 -10.64
N LEU A 263 -0.75 5.77 -9.58
CA LEU A 263 -1.89 6.05 -8.66
C LEU A 263 -2.82 7.04 -9.35
N LYS A 264 -4.08 7.06 -8.92
CA LYS A 264 -5.02 8.12 -9.32
C LYS A 264 -5.54 8.77 -8.04
N LEU A 265 -5.15 10.00 -7.81
CA LEU A 265 -5.59 10.79 -6.64
C LEU A 265 -6.82 11.61 -7.05
N ILE A 266 -7.92 11.45 -6.33
CA ILE A 266 -9.18 12.18 -6.61
C ILE A 266 -9.58 12.93 -5.34
N PRO A 267 -8.86 14.02 -5.02
CA PRO A 267 -9.19 14.82 -3.85
C PRO A 267 -10.52 15.54 -4.10
N GLU A 268 -11.29 15.77 -3.04
CA GLU A 268 -12.67 16.32 -3.16
C GLU A 268 -12.74 17.69 -2.48
N ARG A 269 -12.40 17.76 -1.19
CA ARG A 269 -12.58 19.01 -0.41
CA ARG A 269 -12.63 18.96 -0.36
C ARG A 269 -11.58 19.06 0.74
N GLY A 270 -11.39 20.25 1.28
CA GLY A 270 -10.42 20.42 2.36
C GLY A 270 -10.65 21.67 3.16
N VAL A 271 -9.72 21.90 4.07
CA VAL A 271 -9.77 23.01 5.03
C VAL A 271 -8.34 23.53 5.19
N THR A 272 -8.19 24.84 5.28
CA THR A 272 -6.88 25.54 5.34
C THR A 272 -6.82 26.34 6.65
N GLU A 273 -5.84 26.08 7.51
CA GLU A 273 -5.70 26.70 8.84
C GLU A 273 -4.26 27.16 9.09
N PRO A 274 -4.06 28.22 9.88
CA PRO A 274 -2.71 28.60 10.29
C PRO A 274 -2.18 27.58 11.31
N ALA A 275 -0.86 27.44 11.39
CA ALA A 275 -0.18 26.63 12.43
C ALA A 275 0.90 27.52 13.05
N GLU A 276 1.64 27.00 14.03
CA GLU A 276 2.68 27.77 14.75
C GLU A 276 3.73 28.28 13.76
N ASP A 277 4.26 29.50 14.02
CA ASP A 277 5.45 30.10 13.35
C ASP A 277 5.22 30.34 11.85
N GLY A 278 4.04 30.81 11.44
CA GLY A 278 3.77 31.16 10.03
C GLY A 278 3.58 29.90 9.18
N PHE A 279 3.52 28.73 9.83
CA PHE A 279 3.21 27.44 9.14
C PHE A 279 1.73 27.41 8.79
N THR A 280 1.35 26.51 7.89
CA THR A 280 -0.05 26.30 7.46
C THR A 280 -0.36 24.81 7.56
N GLN A 281 -1.50 24.46 8.15
CA GLN A 281 -1.96 23.06 8.14
C GLN A 281 -3.19 22.96 7.24
N ILE A 282 -3.18 21.96 6.36
CA ILE A 282 -4.28 21.72 5.38
C ILE A 282 -4.67 20.25 5.45
N LYS A 283 -5.97 20.00 5.55
CA LYS A 283 -6.52 18.63 5.48
C LYS A 283 -7.41 18.55 4.25
N VAL A 284 -7.18 17.50 3.46
CA VAL A 284 -7.97 17.21 2.24
C VAL A 284 -8.55 15.81 2.41
N THR A 285 -9.79 15.62 1.99
CA THR A 285 -10.36 14.26 1.91
C THR A 285 -10.75 13.97 0.46
N GLY A 286 -10.74 12.68 0.12
CA GLY A 286 -11.17 12.23 -1.21
C GLY A 286 -10.85 10.77 -1.37
N LYS A 287 -10.57 10.37 -2.61
CA LYS A 287 -10.37 8.94 -2.91
C LYS A 287 -9.04 8.77 -3.65
N VAL A 288 -8.50 7.56 -3.52
CA VAL A 288 -7.31 7.14 -4.33
CA VAL A 288 -7.30 7.13 -4.31
C VAL A 288 -7.61 5.78 -4.94
N GLN A 289 -7.15 5.59 -6.17
CA GLN A 289 -7.19 4.28 -6.87
C GLN A 289 -5.74 3.80 -7.02
N THR A 290 -5.53 2.53 -6.70
CA THR A 290 -4.28 1.79 -7.00
C THR A 290 -4.45 1.14 -8.37
N PRO A 291 -3.38 1.09 -9.18
CA PRO A 291 -3.44 0.46 -10.49
C PRO A 291 -3.78 -1.03 -10.39
N TRP A 292 -3.65 -1.62 -9.21
CA TRP A 292 -4.00 -3.06 -9.01
C TRP A 292 -5.50 -3.28 -9.17
N PHE A 293 -6.33 -2.25 -8.91
CA PHE A 293 -7.81 -2.40 -8.94
C PHE A 293 -8.50 -1.31 -9.76
N GLY A 294 -7.81 -0.21 -10.09
CA GLY A 294 -8.40 0.89 -10.88
C GLY A 294 -9.66 1.42 -10.22
N GLY A 295 -10.69 1.72 -11.01
CA GLY A 295 -11.94 2.34 -10.53
C GLY A 295 -12.77 1.40 -9.68
N ASN A 296 -12.42 0.12 -9.62
CA ASN A 296 -13.19 -0.95 -8.92
C ASN A 296 -13.06 -0.80 -7.40
N VAL A 297 -12.02 -0.12 -6.92
CA VAL A 297 -11.83 0.11 -5.45
C VAL A 297 -11.41 1.56 -5.22
N GLY A 298 -12.32 2.38 -4.73
CA GLY A 298 -12.02 3.78 -4.35
C GLY A 298 -11.73 3.84 -2.87
N MET A 299 -10.46 4.01 -2.48
CA MET A 299 -10.08 4.07 -1.07
C MET A 299 -10.36 5.48 -0.55
N ASN A 300 -11.06 5.57 0.57
CA ASN A 300 -11.33 6.88 1.24
C ASN A 300 -10.06 7.30 1.98
N ILE A 301 -9.54 8.47 1.64
CA ILE A 301 -8.20 8.96 2.07
C ILE A 301 -8.34 10.37 2.64
N ALA A 302 -7.57 10.67 3.68
CA ALA A 302 -7.25 12.06 4.09
C ALA A 302 -5.76 12.32 3.79
N TRP A 303 -5.47 13.54 3.37
CA TRP A 303 -4.11 14.11 3.31
C TRP A 303 -4.03 15.18 4.39
N ARG A 304 -3.01 15.12 5.23
CA ARG A 304 -2.75 16.15 6.25
C ARG A 304 -1.40 16.78 5.96
N PHE A 305 -1.38 18.05 5.54
CA PHE A 305 -0.14 18.78 5.17
C PHE A 305 0.20 19.77 6.29
N LEU A 306 1.49 19.83 6.64
CA LEU A 306 2.07 20.94 7.43
C LEU A 306 3.10 21.63 6.54
N LEU A 307 2.80 22.85 6.11
CA LEU A 307 3.64 23.65 5.17
C LEU A 307 4.40 24.72 5.95
N ASN A 308 5.67 24.94 5.61
CA ASN A 308 6.46 26.02 6.23
C ASN A 308 6.03 27.35 5.62
N PRO A 309 6.50 28.50 6.14
CA PRO A 309 6.07 29.80 5.64
C PRO A 309 6.31 30.02 4.14
N GLU A 310 7.31 29.35 3.56
CA GLU A 310 7.64 29.42 2.12
C GLU A 310 6.73 28.52 1.30
N GLY A 311 5.91 27.68 1.96
CA GLY A 311 4.98 26.75 1.30
C GLY A 311 5.60 25.40 0.98
N LYS A 312 6.76 25.09 1.56
CA LYS A 312 7.40 23.77 1.42
C LYS A 312 6.74 22.77 2.37
N ILE A 313 6.67 21.51 1.98
CA ILE A 313 6.10 20.43 2.82
C ILE A 313 7.13 20.02 3.87
N PHE A 314 6.87 20.33 5.14
CA PHE A 314 7.61 19.77 6.29
C PHE A 314 7.08 18.36 6.60
N PHE A 315 5.76 18.18 6.52
CA PHE A 315 5.12 16.90 6.84
C PHE A 315 3.86 16.72 6.01
N VAL A 316 3.71 15.54 5.43
CA VAL A 316 2.42 15.13 4.82
C VAL A 316 2.11 13.70 5.23
N ALA A 317 0.94 13.51 5.84
CA ALA A 317 0.42 12.18 6.20
C ALA A 317 -0.71 11.83 5.23
N ILE A 318 -0.76 10.56 4.87
CA ILE A 318 -1.87 10.00 4.06
C ILE A 318 -2.53 8.93 4.94
N ASP A 319 -3.81 9.12 5.23
CA ASP A 319 -4.57 8.24 6.16
C ASP A 319 -5.64 7.49 5.37
N LEU A 320 -5.73 6.18 5.57
CA LEU A 320 -6.89 5.41 5.12
C LEU A 320 -8.00 5.65 6.16
N LEU A 321 -9.14 6.17 5.72
CA LEU A 321 -10.23 6.59 6.64
C LEU A 321 -11.10 5.41 7.06
N ALA A 322 -11.60 5.46 8.31
CA ALA A 322 -12.39 4.38 8.94
C ALA A 322 -13.64 4.08 8.11
N SER A 323 -14.27 5.10 7.55
CA SER A 323 -15.46 4.90 6.70
CA SER A 323 -15.53 4.94 6.77
C SER A 323 -15.69 6.14 5.84
N PRO A 324 -16.65 6.10 4.90
CA PRO A 324 -16.99 7.26 4.08
C PRO A 324 -17.49 8.44 4.92
N LYS A 325 -17.92 8.15 6.17
CA LYS A 325 -18.44 9.16 7.12
C LYS A 325 -17.28 10.06 7.60
N GLU A 326 -16.02 9.67 7.35
CA GLU A 326 -14.81 10.46 7.72
C GLU A 326 -14.46 11.46 6.60
N LEU A 327 -15.08 11.33 5.42
CA LEU A 327 -14.90 12.31 4.32
C LEU A 327 -15.55 13.63 4.78
N LEU A 328 -14.94 14.78 4.47
CA LEU A 328 -15.50 16.08 4.95
C LEU A 328 -16.92 16.27 4.40
C1 ECH B . -2.62 -16.60 -2.43
C2 ECH B . -2.75 -17.59 -1.27
C3 ECH B . -1.48 -17.77 -0.49
C4 ECH B . -0.97 -16.44 0.04
C5 ECH B . -1.13 -15.28 -0.90
C6 ECH B . -1.90 -15.34 -2.00
C7 ECH B . -2.05 -14.23 -2.91
C8 ECH B . -2.33 -12.93 -2.60
C9 ECH B . -2.46 -11.87 -3.52
C10 ECH B . -2.89 -10.60 -3.11
C11 ECH B . -2.96 -9.41 -3.82
C12 ECH B . -3.23 -8.15 -3.29
C13 ECH B . -3.15 -6.89 -3.90
C14 ECH B . -3.39 -5.72 -3.18
C15 ECH B . -3.14 -4.41 -3.52
C16 ECH B . -3.34 -3.29 -2.73
C17 ECH B . -2.97 -1.99 -2.95
C18 ECH B . -3.15 -0.87 -2.15
C19 ECH B . -2.70 0.40 -2.51
C20 ECH B . -2.88 1.61 -1.86
C21 ECH B . -2.28 2.81 -2.16
C22 ECH B . -2.37 4.05 -1.51
C23 ECH B . -1.54 5.10 -1.87
C24 ECH B . -1.62 6.34 -1.38
C25 ECH B . -0.64 7.39 -1.44
C26 ECH B . -1.14 8.65 -1.70
C27 ECH B . -0.24 9.83 -1.67
O27 ECH B . -0.69 11.01 -1.80
C28 ECH B . 1.24 9.65 -1.46
C29 ECH B . 1.72 8.24 -1.80
C30 ECH B . 0.83 7.17 -1.14
C31 ECH B . -4.03 -16.26 -2.94
C32 ECH B . -1.87 -17.27 -3.59
C33 ECH B . -0.30 -14.09 -0.46
C34 ECH B . -2.12 -12.07 -4.96
C35 ECH B . -2.80 -6.78 -5.36
C36 ECH B . -3.87 -1.05 -0.86
C37 ECH B . -3.38 4.18 -0.42
C38 ECH B . -2.57 8.95 -2.02
C39 ECH B . 0.99 7.19 0.37
C40 ECH B . 1.33 5.83 -1.64
C1 GOL C . -0.30 -3.04 -11.19
O1 GOL C . -0.10 -1.81 -11.90
C2 GOL C . 0.75 -4.06 -11.55
O2 GOL C . 0.71 -4.30 -12.95
C3 GOL C . 2.14 -3.63 -11.13
O3 GOL C . 3.13 -4.60 -11.47
N HIS D . 18.83 12.87 -9.18
CA HIS D . 17.72 13.87 -9.28
C HIS D . 18.21 15.11 -10.03
O HIS D . 19.34 15.57 -9.85
CB HIS D . 17.19 14.20 -7.87
CG HIS D . 16.31 15.40 -7.82
ND1 HIS D . 15.06 15.43 -8.44
CD2 HIS D . 16.47 16.60 -7.23
CE1 HIS D . 14.50 16.61 -8.23
NE2 HIS D . 15.35 17.35 -7.49
#